data_3U6H
#
_entry.id   3U6H
#
_cell.length_a   71.610
_cell.length_b   81.970
_cell.length_c   127.038
_cell.angle_alpha   90.000
_cell.angle_beta   90.000
_cell.angle_gamma   90.000
#
_symmetry.space_group_name_H-M   'C 2 2 21'
#
loop_
_entity.id
_entity.type
_entity.pdbx_description
1 polymer 'Hepatocyte growth factor receptor'
2 non-polymer N-{4-[(6,7-dimethoxyquinolin-4-yl)oxy]-3-fluorophenyl}-1,5-dimethyl-3-oxo-2-phenyl-2,3-dihydro-1H-pyrazole-4-carboxamide
3 water water
#
_entity_poly.entity_id   1
_entity_poly.type   'polypeptide(L)'
_entity_poly.pdbx_seq_one_letter_code
;QNTVHIDLSALNPELVQAVQHVVIGPSSLIVHFNEVIGRGHFGCVYHGTLLDNDGKKIHCAVKSLNRITDIGEVSQFLTE
GIIMKDFSHPNVLSLLGICLRSEGSPLVVLPYMKHGDLRNFIRNETHNPTVKDLIGFGLQVAKGMKYLASKKFVHRDLAA
RNCMLDEKFTVKVADFGLARDMYDKEYYSVHNKTGAKLPVKWMALESLQTQKFTTKSDVWSFGVLLWELMTRGAPPYPDV
NTFDITVYLLQGRRLLQPEYCPDPLYEVMLKCWHPKAEMRPSFSELVSRISAIFSTFIGEHYVHHHHHH
;
_entity_poly.pdbx_strand_id   A
#
loop_
_chem_comp.id
_chem_comp.type
_chem_comp.name
_chem_comp.formula
03X non-polymer N-{4-[(6,7-dimethoxyquinolin-4-yl)oxy]-3-fluorophenyl}-1,5-dimethyl-3-oxo-2-phenyl-2,3-dihydro-1H-pyrazole-4-carboxamide 'C29 H25 F N4 O5'
#
# COMPACT_ATOMS: atom_id res chain seq x y z
N VAL A 4 23.71 -11.51 11.13
CA VAL A 4 23.84 -10.23 10.37
C VAL A 4 24.60 -9.19 11.20
N HIS A 5 25.72 -8.72 10.66
CA HIS A 5 26.57 -7.73 11.32
C HIS A 5 26.90 -6.62 10.32
N ILE A 6 26.30 -5.45 10.51
CA ILE A 6 26.53 -4.33 9.61
C ILE A 6 27.39 -3.28 10.31
N ASP A 7 28.45 -2.84 9.62
CA ASP A 7 29.37 -1.83 10.14
C ASP A 7 28.76 -0.44 9.96
N LEU A 8 28.11 0.06 11.01
CA LEU A 8 27.42 1.36 10.95
C LEU A 8 28.37 2.56 10.84
N SER A 9 29.64 2.36 11.14
CA SER A 9 30.64 3.43 11.03
C SER A 9 31.04 3.70 9.58
N ALA A 10 30.78 2.72 8.71
CA ALA A 10 31.03 2.86 7.28
C ALA A 10 29.99 3.76 6.57
N LEU A 11 28.90 4.07 7.28
CA LEU A 11 27.87 4.98 6.77
C LEU A 11 28.34 6.43 6.76
N ASN A 12 27.81 7.22 5.83
CA ASN A 12 28.18 8.64 5.66
C ASN A 12 27.62 9.54 6.76
N PRO A 13 28.48 10.40 7.36
CA PRO A 13 28.10 11.35 8.42
C PRO A 13 26.87 12.23 8.12
N GLU A 14 26.79 12.78 6.91
CA GLU A 14 25.71 13.69 6.53
C GLU A 14 24.35 12.97 6.42
N LEU A 15 24.38 11.73 5.97
CA LEU A 15 23.17 10.93 5.79
C LEU A 15 22.65 10.40 7.13
N VAL A 16 23.59 10.02 8.01
CA VAL A 16 23.26 9.62 9.38
C VAL A 16 22.60 10.79 10.13
N GLN A 17 23.10 12.01 9.93
CA GLN A 17 22.52 13.22 10.51
CA GLN A 17 22.49 13.19 10.55
C GLN A 17 21.09 13.48 9.99
N ALA A 18 20.92 13.29 8.68
CA ALA A 18 19.62 13.46 8.02
C ALA A 18 18.60 12.42 8.46
N VAL A 19 19.08 11.24 8.84
CA VAL A 19 18.18 10.13 9.21
C VAL A 19 17.78 10.14 10.69
N GLN A 20 18.49 10.90 11.51
CA GLN A 20 18.29 10.90 12.97
C GLN A 20 16.85 11.13 13.43
N HIS A 21 16.12 11.99 12.74
CA HIS A 21 14.71 12.27 13.09
C HIS A 21 13.78 11.08 12.82
N VAL A 22 14.26 10.09 12.08
CA VAL A 22 13.49 8.89 11.73
C VAL A 22 13.84 7.69 12.63
N VAL A 23 14.98 7.78 13.31
CA VAL A 23 15.51 6.65 14.07
C VAL A 23 14.79 6.50 15.41
N ILE A 24 14.41 5.26 15.73
CA ILE A 24 13.96 4.89 17.06
C ILE A 24 14.73 3.66 17.57
N GLY A 25 14.79 3.49 18.88
CA GLY A 25 15.59 2.41 19.45
C GLY A 25 15.09 1.82 20.74
N PRO A 26 15.94 1.01 21.40
CA PRO A 26 15.61 0.22 22.61
C PRO A 26 15.14 1.04 23.83
N SER A 27 15.37 2.35 23.82
CA SER A 27 14.86 3.23 24.89
C SER A 27 13.37 3.54 24.74
N SER A 28 12.79 3.22 23.59
CA SER A 28 11.35 3.38 23.39
C SER A 28 10.65 2.16 22.77
N LEU A 29 11.39 1.34 22.02
CA LEU A 29 10.81 0.22 21.30
C LEU A 29 11.18 -1.14 21.90
N ILE A 30 10.16 -1.94 22.20
CA ILE A 30 10.32 -3.33 22.59
C ILE A 30 9.86 -4.20 21.44
N VAL A 31 10.77 -4.98 20.87
CA VAL A 31 10.41 -5.91 19.81
C VAL A 31 10.21 -7.29 20.42
N HIS A 32 9.08 -7.91 20.08
CA HIS A 32 8.80 -9.28 20.51
C HIS A 32 9.22 -10.23 19.40
N PHE A 33 10.50 -10.58 19.40
CA PHE A 33 11.08 -11.43 18.36
C PHE A 33 10.54 -12.86 18.37
N ASN A 34 9.86 -13.23 19.45
CA ASN A 34 9.23 -14.55 19.54
C ASN A 34 7.77 -14.61 19.06
N GLU A 35 7.17 -13.47 18.73
CA GLU A 35 5.82 -13.49 18.17
C GLU A 35 5.69 -12.71 16.86
N VAL A 36 5.27 -13.43 15.83
CA VAL A 36 5.24 -12.94 14.46
C VAL A 36 3.86 -12.42 14.05
N ILE A 37 3.86 -11.59 13.02
CA ILE A 37 2.65 -11.14 12.37
C ILE A 37 2.60 -11.72 10.95
N GLY A 38 1.47 -12.35 10.60
CA GLY A 38 1.17 -12.70 9.21
C GLY A 38 1.78 -13.98 8.64
N ARG A 39 1.72 -14.08 7.31
CA ARG A 39 2.12 -15.29 6.58
C ARG A 39 3.39 -15.09 5.74
N GLY A 40 3.83 -13.84 5.59
CA GLY A 40 5.09 -13.55 4.91
C GLY A 40 5.04 -12.76 3.62
N HIS A 41 3.88 -12.23 3.25
CA HIS A 41 3.80 -11.33 2.10
C HIS A 41 4.56 -10.04 2.36
N PHE A 42 4.38 -9.49 3.57
CA PHE A 42 5.06 -8.26 3.99
C PHE A 42 6.43 -8.54 4.61
N GLY A 43 6.87 -9.79 4.54
CA GLY A 43 8.19 -10.18 5.01
C GLY A 43 8.18 -10.72 6.43
N CYS A 44 9.35 -10.66 7.07
CA CYS A 44 9.51 -11.07 8.46
C CYS A 44 9.03 -9.93 9.38
N VAL A 45 7.85 -10.11 9.96
CA VAL A 45 7.19 -9.08 10.76
C VAL A 45 6.88 -9.58 12.17
N TYR A 46 7.27 -8.79 13.17
CA TYR A 46 7.07 -9.14 14.58
C TYR A 46 6.11 -8.16 15.24
N HIS A 47 5.54 -8.57 16.37
CA HIS A 47 4.80 -7.64 17.23
C HIS A 47 5.78 -6.75 17.96
N GLY A 48 5.40 -5.50 18.17
CA GLY A 48 6.22 -4.58 18.91
C GLY A 48 5.38 -3.69 19.79
N THR A 49 6.05 -3.02 20.71
CA THR A 49 5.42 -2.02 21.56
C THR A 49 6.34 -0.81 21.60
N LEU A 50 5.77 0.35 21.29
CA LEU A 50 6.49 1.60 21.35
C LEU A 50 5.97 2.44 22.51
N LEU A 51 6.88 2.94 23.35
CA LEU A 51 6.48 3.82 24.46
C LEU A 51 7.04 5.22 24.33
N ASP A 52 6.22 6.21 24.67
CA ASP A 52 6.71 7.59 24.76
C ASP A 52 7.39 7.85 26.10
N ASN A 53 7.63 9.13 26.42
CA ASN A 53 8.43 9.52 27.58
C ASN A 53 7.82 9.18 28.95
N ASP A 54 6.49 9.04 28.98
CA ASP A 54 5.81 8.78 30.24
C ASP A 54 5.43 7.30 30.42
N GLY A 55 5.70 6.50 29.39
CA GLY A 55 5.41 5.06 29.40
C GLY A 55 4.13 4.64 28.68
N LYS A 56 3.55 5.54 27.89
CA LYS A 56 2.33 5.25 27.11
C LYS A 56 2.63 4.31 25.93
N LYS A 57 2.00 3.14 25.96
CA LYS A 57 2.29 2.08 25.00
C LYS A 57 1.47 2.14 23.69
N ILE A 58 2.15 1.90 22.58
CA ILE A 58 1.54 1.84 21.25
C ILE A 58 1.85 0.49 20.62
N HIS A 59 0.82 -0.23 20.17
CA HIS A 59 1.01 -1.49 19.44
C HIS A 59 1.55 -1.18 18.04
N CYS A 60 2.62 -1.87 17.66
CA CYS A 60 3.15 -1.73 16.31
C CYS A 60 3.57 -3.04 15.64
N ALA A 61 3.82 -2.96 14.34
CA ALA A 61 4.38 -4.06 13.59
C ALA A 61 5.82 -3.70 13.30
N VAL A 62 6.73 -4.65 13.53
CA VAL A 62 8.15 -4.43 13.33
C VAL A 62 8.64 -5.36 12.22
N LYS A 63 9.01 -4.80 11.08
CA LYS A 63 9.53 -5.56 9.94
C LYS A 63 11.05 -5.61 9.95
N SER A 64 11.58 -6.83 9.79
CA SER A 64 13.03 -7.05 9.73
C SER A 64 13.46 -7.22 8.28
N LEU A 65 14.32 -6.33 7.82
CA LEU A 65 14.81 -6.31 6.45
C LEU A 65 16.00 -7.24 6.32
N ASN A 66 15.70 -8.54 6.29
CA ASN A 66 16.71 -9.60 6.38
C ASN A 66 17.60 -9.77 5.16
N ARG A 67 17.26 -9.11 4.07
CA ARG A 67 18.01 -9.22 2.82
C ARG A 67 19.03 -8.09 2.65
N ILE A 68 18.98 -7.08 3.52
CA ILE A 68 19.95 -5.98 3.50
C ILE A 68 21.30 -6.45 4.08
N THR A 69 22.34 -6.38 3.25
CA THR A 69 23.66 -6.87 3.65
C THR A 69 24.77 -5.80 3.60
N ASP A 70 24.79 -5.01 2.54
CA ASP A 70 25.85 -4.02 2.36
C ASP A 70 25.44 -2.56 2.67
N ILE A 71 26.44 -1.69 2.74
CA ILE A 71 26.26 -0.28 3.13
C ILE A 71 25.47 0.52 2.09
N GLY A 72 25.55 0.12 0.82
CA GLY A 72 24.74 0.72 -0.24
C GLY A 72 23.26 0.50 0.02
N GLU A 73 22.91 -0.74 0.33
CA GLU A 73 21.54 -1.13 0.67
C GLU A 73 21.02 -0.45 1.93
N VAL A 74 21.87 -0.34 2.95
CA VAL A 74 21.51 0.38 4.20
C VAL A 74 21.28 1.86 3.89
N SER A 75 22.12 2.44 3.04
CA SER A 75 22.00 3.84 2.63
C SER A 75 20.71 4.12 1.87
N GLN A 76 20.37 3.25 0.92
CA GLN A 76 19.08 3.29 0.21
C GLN A 76 17.91 3.24 1.21
N PHE A 77 17.99 2.29 2.14
CA PHE A 77 17.00 2.08 3.21
C PHE A 77 16.78 3.34 4.07
N LEU A 78 17.86 3.98 4.48
CA LEU A 78 17.81 5.23 5.24
C LEU A 78 16.99 6.31 4.54
N THR A 79 17.33 6.57 3.28
CA THR A 79 16.65 7.59 2.48
C THR A 79 15.16 7.26 2.27
N GLU A 80 14.88 5.98 2.06
CA GLU A 80 13.51 5.49 1.96
C GLU A 80 12.75 5.84 3.24
N GLY A 81 13.42 5.67 4.39
CA GLY A 81 12.85 6.02 5.69
C GLY A 81 12.63 7.51 5.84
N ILE A 82 13.59 8.30 5.34
CA ILE A 82 13.50 9.76 5.35
C ILE A 82 12.27 10.25 4.58
N ILE A 83 12.09 9.73 3.37
CA ILE A 83 10.97 10.10 2.50
C ILE A 83 9.61 9.80 3.15
N MET A 84 9.47 8.59 3.67
CA MET A 84 8.18 8.11 4.19
C MET A 84 7.79 8.81 5.48
N LYS A 85 8.77 9.19 6.28
CA LYS A 85 8.54 9.86 7.56
C LYS A 85 7.87 11.22 7.39
N ASP A 86 8.13 11.87 6.26
CA ASP A 86 7.49 13.14 5.89
C ASP A 86 5.98 13.01 5.61
N PHE A 87 5.56 11.85 5.11
CA PHE A 87 4.18 11.63 4.71
C PHE A 87 3.25 11.66 5.90
N SER A 88 2.13 12.38 5.76
CA SER A 88 1.10 12.43 6.80
C SER A 88 -0.27 12.56 6.16
N HIS A 89 -0.97 11.43 6.03
CA HIS A 89 -2.32 11.39 5.48
C HIS A 89 -3.05 10.17 6.07
N PRO A 90 -4.32 10.32 6.47
CA PRO A 90 -5.13 9.25 7.06
C PRO A 90 -5.22 7.95 6.24
N ASN A 91 -4.95 8.03 4.94
CA ASN A 91 -5.05 6.87 4.04
C ASN A 91 -3.70 6.37 3.51
N VAL A 92 -2.62 6.77 4.19
CA VAL A 92 -1.27 6.34 3.85
C VAL A 92 -0.68 5.81 5.15
N LEU A 93 -0.16 4.58 5.13
CA LEU A 93 0.42 3.98 6.33
C LEU A 93 1.55 4.84 6.89
N SER A 94 1.53 5.05 8.20
CA SER A 94 2.56 5.81 8.90
C SER A 94 3.83 4.99 9.08
N LEU A 95 4.96 5.68 8.99
CA LEU A 95 6.23 5.14 9.45
C LEU A 95 6.50 5.71 10.84
N LEU A 96 6.47 4.85 11.85
CA LEU A 96 6.74 5.27 13.22
C LEU A 96 8.22 5.52 13.45
N GLY A 97 9.05 4.75 12.76
CA GLY A 97 10.48 4.94 12.82
C GLY A 97 11.21 3.77 12.20
N ILE A 98 12.53 3.84 12.24
CA ILE A 98 13.39 2.77 11.77
C ILE A 98 14.47 2.50 12.81
N CYS A 99 15.01 1.28 12.80
CA CYS A 99 16.11 0.93 13.69
C CYS A 99 17.36 0.57 12.89
N LEU A 100 18.43 1.30 13.17
CA LEU A 100 19.77 1.01 12.67
C LEU A 100 20.56 0.33 13.78
N ARG A 101 20.83 -0.96 13.63
CA ARG A 101 21.56 -1.69 14.68
C ARG A 101 22.90 -2.28 14.24
N SER A 102 23.83 -2.30 15.18
CA SER A 102 25.18 -2.83 14.97
C SER A 102 25.15 -4.34 14.78
N GLU A 103 24.16 -4.98 15.40
CA GLU A 103 23.92 -6.42 15.26
C GLU A 103 22.48 -6.66 14.83
N GLY A 104 22.30 -7.45 13.77
CA GLY A 104 20.97 -7.73 13.23
C GLY A 104 20.52 -6.79 12.13
N SER A 105 19.53 -7.23 11.36
CA SER A 105 19.02 -6.48 10.19
C SER A 105 18.32 -5.18 10.58
N PRO A 106 18.33 -4.19 9.66
CA PRO A 106 17.57 -2.95 9.89
C PRO A 106 16.08 -3.26 10.09
N LEU A 107 15.41 -2.44 10.90
CA LEU A 107 14.00 -2.66 11.22
C LEU A 107 13.13 -1.48 10.80
N VAL A 108 11.88 -1.76 10.44
CA VAL A 108 10.90 -0.75 10.09
C VAL A 108 9.73 -0.84 11.05
N VAL A 109 9.34 0.30 11.63
CA VAL A 109 8.29 0.31 12.64
C VAL A 109 7.03 1.01 12.13
N LEU A 110 5.93 0.26 12.07
CA LEU A 110 4.65 0.74 11.55
C LEU A 110 3.57 0.53 12.59
N PRO A 111 2.49 1.33 12.56
CA PRO A 111 1.41 1.10 13.51
C PRO A 111 0.72 -0.21 13.17
N TYR A 112 0.28 -0.95 14.19
CA TYR A 112 -0.38 -2.24 14.01
C TYR A 112 -1.74 -2.03 13.33
N MET A 113 -2.02 -2.84 12.31
CA MET A 113 -3.27 -2.73 11.58
C MET A 113 -4.17 -3.91 11.93
N LYS A 114 -5.15 -3.68 12.80
CA LYS A 114 -5.97 -4.76 13.38
C LYS A 114 -6.54 -5.76 12.38
N HIS A 115 -7.06 -5.23 11.28
CA HIS A 115 -7.75 -6.04 10.29
C HIS A 115 -6.87 -6.40 9.10
N GLY A 116 -5.56 -6.26 9.26
CA GLY A 116 -4.58 -6.69 8.25
C GLY A 116 -4.74 -6.01 6.90
N ASP A 117 -4.57 -6.78 5.84
CA ASP A 117 -4.70 -6.27 4.47
C ASP A 117 -6.12 -6.39 3.91
N LEU A 118 -6.43 -5.53 2.95
CA LEU A 118 -7.78 -5.37 2.42
C LEU A 118 -8.29 -6.58 1.61
N ARG A 119 -7.41 -7.23 0.83
CA ARG A 119 -7.82 -8.42 0.09
C ARG A 119 -8.32 -9.51 1.04
N ASN A 120 -7.55 -9.80 2.08
CA ASN A 120 -7.95 -10.84 3.02
C ASN A 120 -9.20 -10.46 3.84
N PHE A 121 -9.36 -9.19 4.19
CA PHE A 121 -10.58 -8.72 4.86
C PHE A 121 -11.85 -8.94 4.04
N ILE A 122 -11.81 -8.60 2.75
CA ILE A 122 -12.99 -8.71 1.89
C ILE A 122 -13.28 -10.16 1.44
N ARG A 123 -12.25 -10.99 1.42
CA ARG A 123 -12.43 -12.40 1.04
C ARG A 123 -13.04 -13.22 2.17
N ASN A 124 -12.79 -12.78 3.40
CA ASN A 124 -13.30 -13.47 4.59
C ASN A 124 -14.82 -13.45 4.60
N GLU A 125 -15.40 -14.62 4.39
CA GLU A 125 -16.84 -14.74 4.21
C GLU A 125 -17.63 -14.41 5.48
N THR A 126 -16.94 -14.30 6.61
CA THR A 126 -17.58 -13.91 7.87
C THR A 126 -17.78 -12.39 7.98
N HIS A 127 -17.08 -11.64 7.13
CA HIS A 127 -17.32 -10.20 6.99
C HIS A 127 -18.41 -9.95 5.95
N ASN A 128 -19.23 -8.93 6.20
CA ASN A 128 -20.33 -8.61 5.30
C ASN A 128 -20.30 -7.16 4.79
N PRO A 129 -19.29 -6.82 3.98
CA PRO A 129 -19.32 -5.47 3.44
C PRO A 129 -20.44 -5.32 2.42
N THR A 130 -21.11 -4.17 2.45
CA THR A 130 -22.12 -3.84 1.46
C THR A 130 -21.41 -3.23 0.25
N VAL A 131 -22.17 -2.96 -0.81
CA VAL A 131 -21.61 -2.33 -2.02
C VAL A 131 -21.04 -0.95 -1.66
N LYS A 132 -21.78 -0.21 -0.85
CA LYS A 132 -21.33 1.09 -0.34
C LYS A 132 -20.00 0.95 0.42
N ASP A 133 -19.91 -0.06 1.30
CA ASP A 133 -18.68 -0.35 2.04
C ASP A 133 -17.46 -0.51 1.14
N LEU A 134 -17.63 -1.30 0.08
CA LEU A 134 -16.57 -1.58 -0.89
C LEU A 134 -16.18 -0.35 -1.72
N ILE A 135 -17.18 0.40 -2.16
CA ILE A 135 -16.92 1.70 -2.81
C ILE A 135 -16.17 2.61 -1.84
N GLY A 136 -16.64 2.67 -0.59
CA GLY A 136 -15.99 3.40 0.49
C GLY A 136 -14.52 3.09 0.67
N PHE A 137 -14.17 1.79 0.67
CA PHE A 137 -12.77 1.35 0.70
C PHE A 137 -12.00 1.82 -0.53
N GLY A 138 -12.63 1.79 -1.69
CA GLY A 138 -12.02 2.32 -2.91
C GLY A 138 -11.78 3.82 -2.89
N LEU A 139 -12.73 4.55 -2.30
CA LEU A 139 -12.62 5.99 -2.15
C LEU A 139 -11.43 6.36 -1.23
N GLN A 140 -11.29 5.65 -0.12
CA GLN A 140 -10.16 5.83 0.80
C GLN A 140 -8.81 5.58 0.14
N VAL A 141 -8.69 4.50 -0.64
CA VAL A 141 -7.48 4.24 -1.43
C VAL A 141 -7.15 5.40 -2.38
N ALA A 142 -8.18 5.91 -3.08
CA ALA A 142 -8.01 7.01 -4.04
C ALA A 142 -7.43 8.27 -3.38
N LYS A 143 -7.90 8.56 -2.16
CA LYS A 143 -7.46 9.72 -1.40
C LYS A 143 -6.01 9.61 -0.91
N GLY A 144 -5.62 8.39 -0.53
CA GLY A 144 -4.23 8.12 -0.14
C GLY A 144 -3.32 8.21 -1.35
N MET A 145 -3.85 7.80 -2.50
CA MET A 145 -3.12 7.89 -3.77
C MET A 145 -3.03 9.32 -4.30
N LYS A 146 -4.08 10.11 -4.06
CA LYS A 146 -4.09 11.53 -4.36
C LYS A 146 -3.00 12.28 -3.57
N TYR A 147 -2.89 11.99 -2.27
CA TYR A 147 -1.86 12.58 -1.43
C TYR A 147 -0.47 12.18 -1.93
N LEU A 148 -0.26 10.89 -2.17
CA LEU A 148 1.02 10.40 -2.69
C LEU A 148 1.43 11.04 -4.01
N ALA A 149 0.47 11.17 -4.93
CA ALA A 149 0.71 11.79 -6.23
C ALA A 149 1.05 13.27 -6.09
N SER A 150 0.40 13.95 -5.14
CA SER A 150 0.70 15.35 -4.86
C SER A 150 2.13 15.53 -4.35
N LYS A 151 2.64 14.52 -3.64
CA LYS A 151 4.03 14.53 -3.14
C LYS A 151 5.00 14.05 -4.20
N LYS A 152 4.46 13.76 -5.39
CA LYS A 152 5.23 13.32 -6.57
C LYS A 152 5.83 11.93 -6.41
N PHE A 153 5.14 11.08 -5.65
CA PHE A 153 5.61 9.73 -5.38
C PHE A 153 4.85 8.68 -6.18
N VAL A 154 5.58 7.80 -6.84
CA VAL A 154 4.97 6.72 -7.62
C VAL A 154 4.92 5.44 -6.77
N HIS A 155 3.74 4.84 -6.69
CA HIS A 155 3.53 3.70 -5.80
C HIS A 155 4.22 2.43 -6.28
N ARG A 156 3.93 2.05 -7.53
CA ARG A 156 4.57 0.94 -8.24
C ARG A 156 4.02 -0.45 -7.95
N ASP A 157 3.26 -0.60 -6.86
CA ASP A 157 2.73 -1.90 -6.48
C ASP A 157 1.34 -1.84 -5.83
N LEU A 158 0.47 -0.98 -6.38
CA LEU A 158 -0.87 -0.79 -5.83
C LEU A 158 -1.78 -1.97 -6.15
N ALA A 159 -2.37 -2.54 -5.09
CA ALA A 159 -3.30 -3.66 -5.17
C ALA A 159 -3.98 -3.77 -3.80
N ALA A 160 -5.10 -4.49 -3.76
CA ALA A 160 -5.85 -4.69 -2.51
C ALA A 160 -5.00 -5.31 -1.40
N ARG A 161 -4.17 -6.29 -1.76
CA ARG A 161 -3.30 -7.00 -0.81
C ARG A 161 -2.31 -6.06 -0.11
N ASN A 162 -2.04 -4.91 -0.72
CA ASN A 162 -1.04 -3.95 -0.20
C ASN A 162 -1.64 -2.76 0.53
N CYS A 163 -2.95 -2.78 0.71
CA CYS A 163 -3.66 -1.75 1.46
C CYS A 163 -4.04 -2.37 2.81
N MET A 164 -3.86 -1.60 3.87
CA MET A 164 -4.09 -2.08 5.23
C MET A 164 -5.38 -1.53 5.79
N LEU A 165 -5.95 -2.24 6.77
CA LEU A 165 -7.18 -1.82 7.41
C LEU A 165 -7.00 -1.77 8.93
N ASP A 166 -7.21 -0.60 9.53
CA ASP A 166 -7.06 -0.44 10.99
C ASP A 166 -8.37 -0.71 11.76
N GLU A 167 -8.33 -0.59 13.09
CA GLU A 167 -9.47 -0.90 13.95
C GLU A 167 -10.71 -0.04 13.67
N LYS A 168 -10.49 1.13 13.07
CA LYS A 168 -11.56 2.07 12.74
C LYS A 168 -12.01 1.89 11.30
N PHE A 169 -11.55 0.82 10.66
CA PHE A 169 -11.75 0.54 9.23
C PHE A 169 -11.30 1.70 8.33
N THR A 170 -10.16 2.29 8.68
CA THR A 170 -9.48 3.25 7.82
C THR A 170 -8.53 2.49 6.93
N VAL A 171 -8.64 2.69 5.62
CA VAL A 171 -7.73 2.05 4.67
C VAL A 171 -6.41 2.83 4.64
N LYS A 172 -5.31 2.10 4.75
CA LYS A 172 -3.97 2.69 4.69
C LYS A 172 -3.22 2.12 3.50
N VAL A 173 -3.02 2.93 2.46
CA VAL A 173 -2.18 2.52 1.33
C VAL A 173 -0.77 2.23 1.87
N ALA A 174 -0.21 1.10 1.46
CA ALA A 174 1.10 0.66 1.95
C ALA A 174 1.90 -0.06 0.87
N ASP A 175 3.12 -0.48 1.24
CA ASP A 175 4.03 -1.17 0.33
C ASP A 175 4.47 -0.36 -0.89
N PHE A 176 4.38 0.97 -0.79
CA PHE A 176 4.92 1.88 -1.80
C PHE A 176 6.43 2.08 -1.60
N GLY A 177 7.16 2.32 -2.67
CA GLY A 177 8.62 2.48 -2.58
C GLY A 177 9.37 1.16 -2.76
N PRO A 199 3.59 -8.60 -10.37
CA PRO A 199 2.20 -8.14 -10.33
C PRO A 199 1.70 -7.68 -11.70
N VAL A 200 1.91 -8.52 -12.72
CA VAL A 200 1.63 -8.16 -14.12
C VAL A 200 0.14 -7.90 -14.42
N LYS A 201 -0.75 -8.62 -13.74
CA LYS A 201 -2.20 -8.43 -13.91
C LYS A 201 -2.71 -7.13 -13.27
N TRP A 202 -1.79 -6.38 -12.68
CA TRP A 202 -2.09 -5.07 -12.10
C TRP A 202 -1.36 -3.95 -12.86
N MET A 203 -0.45 -4.34 -13.76
CA MET A 203 0.39 -3.35 -14.44
C MET A 203 -0.25 -2.75 -15.69
N ALA A 204 -0.08 -1.44 -15.83
CA ALA A 204 -0.48 -0.70 -17.02
C ALA A 204 0.17 -1.26 -18.27
N LEU A 205 -0.47 -1.04 -19.41
CA LEU A 205 0.02 -1.52 -20.71
C LEU A 205 1.46 -1.09 -20.94
N GLU A 206 1.73 0.20 -20.75
CA GLU A 206 3.06 0.77 -20.99
C GLU A 206 4.14 0.33 -20.00
N SER A 207 3.72 -0.13 -18.81
CA SER A 207 4.66 -0.70 -17.84
C SER A 207 5.10 -2.09 -18.26
N LEU A 208 4.16 -2.87 -18.82
CA LEU A 208 4.42 -4.23 -19.28
C LEU A 208 5.37 -4.32 -20.48
N GLN A 209 5.43 -3.25 -21.28
CA GLN A 209 6.24 -3.28 -22.50
C GLN A 209 7.41 -2.27 -22.54
N THR A 210 7.40 -1.30 -21.64
CA THR A 210 8.49 -0.31 -21.58
C THR A 210 9.06 -0.15 -20.15
N GLN A 211 8.60 -1.00 -19.23
CA GLN A 211 9.08 -1.03 -17.83
C GLN A 211 9.03 0.32 -17.09
N LYS A 212 8.35 1.30 -17.66
CA LYS A 212 8.22 2.62 -17.03
C LYS A 212 7.06 2.65 -16.03
N PHE A 213 7.26 3.39 -14.95
CA PHE A 213 6.22 3.55 -13.94
C PHE A 213 5.99 5.02 -13.63
N THR A 214 4.72 5.42 -13.61
CA THR A 214 4.30 6.80 -13.40
C THR A 214 3.06 6.81 -12.50
N THR A 215 2.59 8.00 -12.13
CA THR A 215 1.31 8.13 -11.43
C THR A 215 0.15 7.59 -12.29
N LYS A 216 0.26 7.77 -13.61
CA LYS A 216 -0.73 7.24 -14.56
C LYS A 216 -0.80 5.71 -14.61
N SER A 217 0.34 5.04 -14.40
CA SER A 217 0.36 3.58 -14.29
C SER A 217 -0.22 3.11 -12.95
N ASP A 218 0.01 3.91 -11.90
CA ASP A 218 -0.67 3.71 -10.61
C ASP A 218 -2.19 3.80 -10.77
N VAL A 219 -2.63 4.62 -11.72
CA VAL A 219 -4.07 4.81 -11.98
C VAL A 219 -4.67 3.53 -12.54
N TRP A 220 -3.95 2.89 -13.46
CA TRP A 220 -4.36 1.60 -14.01
C TRP A 220 -4.52 0.55 -12.90
N SER A 221 -3.51 0.48 -12.02
CA SER A 221 -3.49 -0.45 -10.90
C SER A 221 -4.65 -0.21 -9.96
N PHE A 222 -4.97 1.07 -9.74
CA PHE A 222 -6.13 1.44 -8.95
C PHE A 222 -7.45 0.93 -9.55
N GLY A 223 -7.57 0.99 -10.88
CA GLY A 223 -8.69 0.36 -11.58
C GLY A 223 -8.83 -1.12 -11.29
N VAL A 224 -7.73 -1.86 -11.34
CA VAL A 224 -7.72 -3.29 -11.01
C VAL A 224 -8.07 -3.50 -9.53
N LEU A 225 -7.53 -2.63 -8.68
CA LEU A 225 -7.84 -2.64 -7.24
C LEU A 225 -9.33 -2.45 -6.97
N LEU A 226 -9.96 -1.46 -7.63
CA LEU A 226 -11.42 -1.30 -7.57
C LEU A 226 -12.16 -2.56 -8.02
N TRP A 227 -11.66 -3.22 -9.05
CA TRP A 227 -12.27 -4.44 -9.56
C TRP A 227 -12.21 -5.56 -8.50
N GLU A 228 -11.05 -5.68 -7.85
CA GLU A 228 -10.85 -6.61 -6.73
C GLU A 228 -11.84 -6.36 -5.60
N LEU A 229 -12.08 -5.08 -5.29
CA LEU A 229 -13.03 -4.71 -4.26
C LEU A 229 -14.45 -5.17 -4.55
N MET A 230 -14.93 -4.93 -5.77
CA MET A 230 -16.32 -5.22 -6.13
C MET A 230 -16.59 -6.72 -6.29
N THR A 231 -15.51 -7.47 -6.54
CA THR A 231 -15.55 -8.94 -6.58
C THR A 231 -15.22 -9.56 -5.21
N ARG A 232 -15.01 -8.72 -4.21
CA ARG A 232 -14.52 -9.14 -2.89
C ARG A 232 -13.30 -10.07 -2.97
N GLY A 233 -12.29 -9.64 -3.71
CA GLY A 233 -11.00 -10.32 -3.75
C GLY A 233 -10.85 -11.45 -4.74
N ALA A 234 -11.65 -11.45 -5.81
CA ALA A 234 -11.49 -12.45 -6.87
C ALA A 234 -10.18 -12.21 -7.60
N PRO A 235 -9.53 -13.28 -8.11
CA PRO A 235 -8.32 -13.08 -8.91
C PRO A 235 -8.62 -12.51 -10.31
N PRO A 236 -7.92 -11.42 -10.69
CA PRO A 236 -8.14 -10.79 -12.00
C PRO A 236 -7.68 -11.67 -13.17
N TYR A 237 -8.41 -11.61 -14.28
CA TYR A 237 -8.09 -12.38 -15.49
C TYR A 237 -7.82 -13.86 -15.19
N PRO A 238 -8.79 -14.55 -14.56
CA PRO A 238 -8.53 -15.92 -14.11
C PRO A 238 -8.16 -16.89 -15.23
N ASP A 239 -8.70 -16.65 -16.43
CA ASP A 239 -8.49 -17.55 -17.57
C ASP A 239 -7.48 -17.06 -18.61
N VAL A 240 -6.67 -16.07 -18.23
CA VAL A 240 -5.55 -15.66 -19.10
C VAL A 240 -4.22 -15.77 -18.35
N ASN A 241 -3.23 -16.35 -19.01
CA ASN A 241 -1.90 -16.50 -18.43
C ASN A 241 -1.19 -15.17 -18.26
N THR A 242 -0.22 -15.13 -17.35
CA THR A 242 0.56 -13.92 -17.05
C THR A 242 1.36 -13.42 -18.26
N PHE A 243 1.74 -14.34 -19.14
CA PHE A 243 2.50 -14.00 -20.34
C PHE A 243 1.59 -13.58 -21.51
N ASP A 244 0.31 -13.88 -21.41
CA ASP A 244 -0.68 -13.52 -22.43
C ASP A 244 -1.42 -12.21 -22.15
N ILE A 245 -1.06 -11.53 -21.06
CA ILE A 245 -1.80 -10.34 -20.63
C ILE A 245 -1.60 -9.12 -21.53
N THR A 246 -0.38 -8.93 -22.02
CA THR A 246 -0.03 -7.83 -22.91
C THR A 246 -0.89 -7.83 -24.18
N VAL A 247 -0.94 -8.98 -24.85
CA VAL A 247 -1.74 -9.14 -26.07
C VAL A 247 -3.24 -9.02 -25.79
N TYR A 248 -3.68 -9.57 -24.67
CA TYR A 248 -5.07 -9.48 -24.21
C TYR A 248 -5.51 -8.02 -24.14
N LEU A 249 -4.68 -7.19 -23.52
CA LEU A 249 -4.91 -5.76 -23.40
C LEU A 249 -4.81 -5.01 -24.73
N LEU A 250 -3.85 -5.41 -25.57
CA LEU A 250 -3.68 -4.79 -26.89
C LEU A 250 -4.81 -5.15 -27.86
N GLN A 251 -5.46 -6.29 -27.64
CA GLN A 251 -6.70 -6.65 -28.36
C GLN A 251 -7.90 -5.82 -27.91
N GLY A 252 -7.70 -5.00 -26.88
CA GLY A 252 -8.73 -4.10 -26.35
C GLY A 252 -9.67 -4.76 -25.34
N ARG A 253 -9.29 -5.94 -24.87
CA ARG A 253 -10.09 -6.67 -23.89
C ARG A 253 -9.80 -6.17 -22.48
N ARG A 254 -10.83 -6.12 -21.64
CA ARG A 254 -10.72 -5.65 -20.26
C ARG A 254 -11.41 -6.59 -19.27
N LEU A 255 -11.06 -6.45 -17.99
CA LEU A 255 -11.79 -7.11 -16.92
C LEU A 255 -13.28 -6.86 -17.03
N LEU A 256 -14.08 -7.90 -16.85
CA LEU A 256 -15.53 -7.80 -16.97
C LEU A 256 -16.13 -7.11 -15.77
N GLN A 257 -17.26 -6.44 -15.98
CA GLN A 257 -17.98 -5.78 -14.90
C GLN A 257 -18.47 -6.80 -13.86
N PRO A 258 -18.02 -6.63 -12.60
CA PRO A 258 -18.42 -7.47 -11.47
C PRO A 258 -19.93 -7.42 -11.22
N GLU A 259 -20.45 -8.51 -10.67
CA GLU A 259 -21.87 -8.66 -10.32
C GLU A 259 -22.40 -7.51 -9.45
N TYR A 260 -21.59 -7.06 -8.49
CA TYR A 260 -22.02 -6.00 -7.55
C TYR A 260 -21.53 -4.60 -7.93
N CYS A 261 -20.85 -4.48 -9.07
CA CYS A 261 -20.34 -3.18 -9.55
C CYS A 261 -21.42 -2.42 -10.33
N PRO A 262 -21.80 -1.22 -9.83
CA PRO A 262 -22.75 -0.37 -10.56
C PRO A 262 -22.11 0.16 -11.83
N ASP A 263 -22.93 0.48 -12.83
CA ASP A 263 -22.44 0.93 -14.14
C ASP A 263 -21.54 2.17 -14.09
N PRO A 264 -21.90 3.20 -13.30
CA PRO A 264 -21.00 4.36 -13.24
C PRO A 264 -19.59 4.02 -12.74
N LEU A 265 -19.49 3.16 -11.72
CA LEU A 265 -18.17 2.73 -11.22
C LEU A 265 -17.40 1.89 -12.23
N TYR A 266 -18.10 1.05 -12.99
CA TYR A 266 -17.43 0.28 -14.04
C TYR A 266 -16.84 1.20 -15.12
N GLU A 267 -17.56 2.28 -15.44
CA GLU A 267 -17.06 3.31 -16.34
C GLU A 267 -15.72 3.90 -15.87
N VAL A 268 -15.65 4.26 -14.59
CA VAL A 268 -14.41 4.73 -13.93
C VAL A 268 -13.25 3.76 -14.14
N MET A 269 -13.50 2.49 -13.86
CA MET A 269 -12.54 1.41 -14.12
C MET A 269 -12.02 1.40 -15.56
N LEU A 270 -12.93 1.52 -16.53
CA LEU A 270 -12.54 1.46 -17.94
C LEU A 270 -11.67 2.66 -18.33
N LYS A 271 -11.99 3.81 -17.75
CA LYS A 271 -11.19 5.04 -17.88
C LYS A 271 -9.79 4.90 -17.26
N CYS A 272 -9.69 4.14 -16.17
CA CYS A 272 -8.41 3.84 -15.55
C CYS A 272 -7.55 2.94 -16.43
N TRP A 273 -8.19 2.14 -17.27
CA TRP A 273 -7.45 1.23 -18.17
C TRP A 273 -7.33 1.74 -19.60
N HIS A 274 -7.45 3.06 -19.78
CA HIS A 274 -7.23 3.70 -21.07
C HIS A 274 -5.87 3.29 -21.63
N PRO A 275 -5.81 2.86 -22.91
CA PRO A 275 -4.51 2.50 -23.51
C PRO A 275 -3.52 3.67 -23.57
N LYS A 276 -4.02 4.90 -23.54
CA LYS A 276 -3.18 6.08 -23.53
C LYS A 276 -3.12 6.66 -22.12
N ALA A 277 -1.96 6.53 -21.49
CA ALA A 277 -1.75 6.95 -20.10
C ALA A 277 -2.24 8.36 -19.77
N GLU A 278 -2.06 9.29 -20.71
CA GLU A 278 -2.39 10.69 -20.48
C GLU A 278 -3.89 10.98 -20.47
N MET A 279 -4.69 10.04 -20.96
CA MET A 279 -6.15 10.21 -21.00
C MET A 279 -6.84 9.67 -19.74
N ARG A 280 -6.06 8.98 -18.89
CA ARG A 280 -6.56 8.43 -17.63
C ARG A 280 -6.89 9.54 -16.65
N PRO A 281 -7.93 9.34 -15.81
CA PRO A 281 -8.17 10.37 -14.80
C PRO A 281 -7.00 10.44 -13.81
N SER A 282 -6.83 11.59 -13.19
CA SER A 282 -5.88 11.74 -12.10
C SER A 282 -6.55 11.22 -10.84
N PHE A 283 -5.79 11.04 -9.76
CA PHE A 283 -6.40 10.64 -8.48
C PHE A 283 -7.31 11.71 -7.88
N SER A 284 -6.98 12.97 -8.14
CA SER A 284 -7.85 14.08 -7.78
C SER A 284 -9.24 13.92 -8.42
N GLU A 285 -9.26 13.66 -9.73
CA GLU A 285 -10.50 13.42 -10.48
C GLU A 285 -11.23 12.15 -10.02
N LEU A 286 -10.47 11.09 -9.76
CA LEU A 286 -11.02 9.83 -9.25
C LEU A 286 -11.70 9.98 -7.88
N VAL A 287 -11.05 10.69 -6.96
CA VAL A 287 -11.66 10.97 -5.65
C VAL A 287 -12.99 11.71 -5.81
N SER A 288 -13.01 12.66 -6.75
CA SER A 288 -14.19 13.47 -7.01
C SER A 288 -15.33 12.62 -7.58
N ARG A 289 -15.01 11.83 -8.60
CA ARG A 289 -16.00 10.99 -9.26
C ARG A 289 -16.51 9.88 -8.33
N ILE A 290 -15.61 9.18 -7.66
CA ILE A 290 -15.98 8.09 -6.72
C ILE A 290 -16.73 8.63 -5.50
N SER A 291 -16.38 9.83 -5.07
CA SER A 291 -17.08 10.49 -3.95
C SER A 291 -18.56 10.71 -4.28
N ALA A 292 -18.83 11.06 -5.53
CA ALA A 292 -20.18 11.29 -6.02
C ALA A 292 -20.98 9.99 -6.06
N ILE A 293 -20.39 8.96 -6.66
CA ILE A 293 -20.98 7.62 -6.67
C ILE A 293 -21.27 7.11 -5.25
N PHE A 294 -20.29 7.24 -4.36
CA PHE A 294 -20.39 6.75 -2.99
C PHE A 294 -21.59 7.34 -2.21
N SER A 295 -21.86 8.63 -2.43
CA SER A 295 -22.98 9.32 -1.77
C SER A 295 -24.35 8.87 -2.26
N THR A 296 -24.43 8.38 -3.51
CA THR A 296 -25.69 7.86 -4.05
C THR A 296 -26.10 6.52 -3.42
N PHE A 297 -25.13 5.81 -2.87
CA PHE A 297 -25.39 4.53 -2.21
C PHE A 297 -25.81 4.67 -0.75
N ILE A 298 -26.62 3.74 -0.28
CA ILE A 298 -27.03 3.69 1.12
C ILE A 298 -26.82 2.29 1.70
N GLY A 299 -26.58 2.21 3.00
CA GLY A 299 -26.41 0.93 3.68
C GLY A 299 -24.94 0.55 3.78
N GLU A 300 -24.43 0.58 5.01
CA GLU A 300 -23.01 0.40 5.28
C GLU A 300 -22.85 -0.37 6.61
N HIS A 301 -21.99 -1.39 6.61
CA HIS A 301 -21.68 -2.14 7.84
C HIS A 301 -20.35 -1.73 8.48
N TYR A 302 -19.48 -1.10 7.70
CA TYR A 302 -18.16 -0.68 8.18
C TYR A 302 -18.00 0.83 7.96
N VAL A 303 -18.23 1.61 9.01
CA VAL A 303 -18.20 3.07 8.92
C VAL A 303 -16.83 3.64 9.31
N HIS A 304 -16.30 4.48 8.42
CA HIS A 304 -15.01 5.14 8.64
C HIS A 304 -15.23 6.63 8.89
N1 03X B . -0.03 -4.27 10.77
N3 03X B . 8.10 1.67 3.07
C4 03X B . 0.51 -7.09 8.51
C5 03X B . 0.66 -5.83 9.11
C6 03X B . -0.16 -5.47 10.18
C7 03X B . 0.88 -3.37 10.34
C8 03X B . 1.73 -3.69 9.27
C10 03X B . 3.18 -4.38 6.93
C13 03X B . 4.55 -4.42 7.15
C15 03X B . 4.89 -2.57 5.63
C17 03X B . 2.64 -3.44 6.05
C20 03X B . 6.84 1.23 3.07
C21 03X B . 8.09 -0.07 4.32
C22 03X B . 5.66 1.87 2.32
C24 03X B . 10.12 1.16 3.99
C26 03X B . 11.66 2.48 5.33
C28 03X B . 12.49 0.94 3.65
C11 03X B . -3.01 -8.17 11.62
O3 03X B . -2.21 -8.54 10.47
C2 03X B . -1.27 -7.63 10.06
C3 03X B . -1.13 -6.37 10.65
C1 03X B . -0.47 -7.99 8.98
O2 03X B . -0.65 -9.23 8.44
C12 03X B . 0.19 -9.60 7.32
C9 03X B . 1.62 -4.93 8.63
O1 03X B . 2.41 -5.31 7.58
C14 03X B . 5.41 -3.52 6.52
F1 03X B . 5.05 -5.33 7.98
C16 03X B . 3.51 -2.52 5.41
N2 03X B . 5.78 -1.72 5.10
C18 03X B . 5.56 -0.75 4.20
O4 03X B . 4.47 -0.48 3.71
C19 03X B . 6.79 0.09 3.86
O5 03X B . 8.50 -0.96 5.05
C23 03X B . 8.58 2.88 2.30
N4 03X B . 8.82 0.92 3.76
C25 03X B . 10.37 2.11 4.98
C27 03X B . 12.72 1.90 4.65
C29 03X B . 11.18 0.57 3.31
#